data_6KWN
#
_entry.id   6KWN
#
_cell.length_a   218.314
_cell.length_b   46.306
_cell.length_c   45.024
_cell.angle_alpha   90.000
_cell.angle_beta   90.656
_cell.angle_gamma   90.000
#
_symmetry.space_group_name_H-M   'C 1 2 1'
#
loop_
_entity.id
_entity.type
_entity.pdbx_description
1 polymer 'MHC class I antigen'
2 polymer Beta-2-microglobulin
3 polymer peptide
4 water water
#
loop_
_entity_poly.entity_id
_entity_poly.type
_entity_poly.pdbx_seq_one_letter_code
_entity_poly.pdbx_strand_id
1 'polypeptide(L)'
;GPHSLSYFYTAVSRPDRGDSRFIAVGYVDDTQFVRFDNYAPNPRMEPRVPWIQQEGQDYWDEETRKVKDNAQTYGVGLNT
LRGYYNQSEAGSHTLQSMYGCYLGPDGLLLHGYRQDAYDGADYIALNEDLRSWTAADMAAQITKRKWEAANVAERRRSYL
QGLCVESLRRYLEMGKDTLQRAEPPKTHVTRHPSSDLGVTLRCWALGFYPKEISLTWQREGQDQSQDMELVETRPSGDGT
FQKWAALVVPPGEEQSYTCHVQHEGLQEPLTLRWD
;
A
2 'polypeptide(L)'
;FVARPPKVQVYSRHPAENGKPNYLNCYVSGFHPPQIEIDLLKNGEKMNAEQSDLSFSKDWSFYLLVHTEFTPNAVDQYSC
RVKHVTLDKPKIVKWDRDH
;
B
3 'polypeptide(L)' NSDTVGWSW C
#
# COMPACT_ATOMS: atom_id res chain seq x y z
N GLY A 1 -5.01 -7.47 -14.04
CA GLY A 1 -5.61 -7.53 -15.37
C GLY A 1 -6.94 -6.83 -15.38
N PRO A 2 -7.92 -7.37 -14.67
CA PRO A 2 -9.19 -6.65 -14.48
C PRO A 2 -9.06 -5.58 -13.41
N HIS A 3 -9.85 -4.52 -13.59
CA HIS A 3 -9.83 -3.37 -12.68
C HIS A 3 -10.54 -3.72 -11.38
N SER A 4 -10.21 -2.98 -10.33
CA SER A 4 -10.78 -3.25 -9.02
C SER A 4 -10.99 -1.96 -8.25
N LEU A 5 -11.91 -2.02 -7.30
CA LEU A 5 -12.14 -0.93 -6.35
C LEU A 5 -12.11 -1.55 -4.95
N SER A 6 -11.43 -0.89 -4.04
CA SER A 6 -11.21 -1.46 -2.72
C SER A 6 -11.25 -0.37 -1.66
N TYR A 7 -11.57 -0.75 -0.44
CA TYR A 7 -11.48 0.14 0.71
C TYR A 7 -10.72 -0.56 1.83
N PHE A 8 -9.91 0.24 2.54
CA PHE A 8 -9.02 -0.23 3.59
C PHE A 8 -9.35 0.56 4.85
N TYR A 9 -9.86 -0.15 5.86
CA TYR A 9 -10.27 0.43 7.13
C TYR A 9 -9.29 0.02 8.22
N THR A 10 -8.85 0.99 9.01
CA THR A 10 -7.95 0.77 10.17
C THR A 10 -8.56 1.43 11.40
N ALA A 11 -8.86 0.64 12.41
CA ALA A 11 -9.46 1.14 13.67
C ALA A 11 -8.50 0.81 14.80
N VAL A 12 -8.14 1.82 15.60
CA VAL A 12 -7.14 1.66 16.69
C VAL A 12 -7.78 2.10 17.99
N SER A 13 -7.68 1.28 19.02
CA SER A 13 -8.25 1.59 20.34
C SER A 13 -7.29 2.47 21.13
N ARG A 14 -7.85 3.33 21.97
CA ARG A 14 -7.10 4.26 22.85
C ARG A 14 -7.14 3.70 24.27
N PRO A 15 -5.98 3.49 24.92
CA PRO A 15 -5.91 2.98 26.28
C PRO A 15 -6.81 3.73 27.28
N ASP A 16 -7.68 2.98 27.96
CA ASP A 16 -8.59 3.45 29.05
C ASP A 16 -9.17 4.85 28.80
N ARG A 17 -9.67 5.16 27.60
CA ARG A 17 -10.21 6.53 27.38
C ARG A 17 -11.29 6.52 26.30
N GLY A 18 -11.87 5.34 26.07
CA GLY A 18 -13.06 5.06 25.25
C GLY A 18 -13.12 5.47 23.79
N ASP A 19 -12.20 6.25 23.23
CA ASP A 19 -12.38 6.58 21.79
C ASP A 19 -11.66 5.54 20.92
N SER A 20 -11.72 5.73 19.62
CA SER A 20 -10.99 4.87 18.67
C SER A 20 -10.80 5.66 17.39
N ARG A 21 -9.58 5.65 16.88
CA ARG A 21 -9.23 6.34 15.63
C ARG A 21 -9.75 5.50 14.47
N PHE A 22 -10.39 6.12 13.50
CA PHE A 22 -10.86 5.38 12.32
C PHE A 22 -10.26 6.02 11.08
N ILE A 23 -9.57 5.22 10.29
CA ILE A 23 -8.94 5.70 9.03
C ILE A 23 -9.43 4.82 7.91
N ALA A 24 -9.86 5.43 6.81
CA ALA A 24 -10.38 4.70 5.64
C ALA A 24 -9.69 5.23 4.39
N VAL A 25 -9.29 4.34 3.49
CA VAL A 25 -8.67 4.80 2.22
C VAL A 25 -9.37 4.07 1.08
N GLY A 26 -9.59 4.77 -0.02
CA GLY A 26 -10.27 4.19 -1.18
C GLY A 26 -9.35 4.05 -2.35
N TYR A 27 -9.32 2.87 -2.95
CA TYR A 27 -8.42 2.70 -4.10
C TYR A 27 -9.21 2.21 -5.30
N VAL A 28 -8.83 2.71 -6.46
CA VAL A 28 -9.29 2.18 -7.77
C VAL A 28 -7.99 1.64 -8.33
N ASP A 29 -7.85 0.32 -8.31
CA ASP A 29 -6.60 -0.38 -8.68
C ASP A 29 -5.54 0.03 -7.68
N ASP A 30 -4.46 0.67 -8.15
CA ASP A 30 -3.34 1.07 -7.27
C ASP A 30 -3.37 2.58 -7.05
N THR A 31 -4.49 3.23 -7.30
CA THR A 31 -4.55 4.70 -7.13
C THR A 31 -5.47 5.09 -5.96
N GLN A 32 -4.93 5.74 -4.94
CA GLN A 32 -5.80 6.19 -3.82
C GLN A 32 -6.67 7.32 -4.33
N PHE A 33 -7.97 7.29 -4.04
CA PHE A 33 -8.87 8.36 -4.54
C PHE A 33 -9.59 9.08 -3.40
N VAL A 34 -9.90 8.41 -2.29
CA VAL A 34 -10.61 9.11 -1.19
C VAL A 34 -9.90 8.83 0.13
N ARG A 35 -10.32 9.51 1.18
CA ARG A 35 -9.76 9.31 2.53
C ARG A 35 -10.76 9.81 3.56
N PHE A 36 -10.63 9.32 4.78
CA PHE A 36 -11.44 9.74 5.92
C PHE A 36 -10.65 9.49 7.21
N ASP A 37 -10.64 10.48 8.10
CA ASP A 37 -9.92 10.37 9.37
C ASP A 37 -10.73 11.08 10.45
N ASN A 38 -11.05 10.36 11.53
CA ASN A 38 -11.86 10.92 12.60
C ASN A 38 -11.03 11.48 13.75
N TYR A 39 -9.72 11.72 13.54
CA TYR A 39 -8.96 12.62 14.41
C TYR A 39 -9.26 14.06 14.04
N ALA A 40 -9.36 14.36 12.74
CA ALA A 40 -9.67 15.69 12.24
C ALA A 40 -10.91 16.23 12.93
N PRO A 41 -10.99 17.55 13.15
CA PRO A 41 -12.23 18.12 13.69
C PRO A 41 -13.28 18.18 12.59
N ASN A 42 -14.48 17.69 12.87
CA ASN A 42 -15.57 17.58 11.86
C ASN A 42 -15.04 16.77 10.66
N PRO A 43 -14.76 15.47 10.87
CA PRO A 43 -14.22 14.60 9.83
C PRO A 43 -15.16 14.44 8.64
N ARG A 44 -14.60 14.37 7.44
CA ARG A 44 -15.36 14.22 6.21
C ARG A 44 -14.62 13.27 5.28
N MET A 45 -15.34 12.74 4.32
CA MET A 45 -14.73 12.00 3.22
C MET A 45 -14.12 13.00 2.24
N GLU A 46 -12.80 12.93 2.06
CA GLU A 46 -12.13 13.93 1.26
C GLU A 46 -11.45 13.31 0.05
N PRO A 47 -11.41 14.02 -1.08
CA PRO A 47 -10.73 13.50 -2.27
C PRO A 47 -9.22 13.60 -2.18
N ARG A 48 -8.53 12.65 -2.84
CA ARG A 48 -7.07 12.70 -2.88
C ARG A 48 -6.52 12.42 -4.28
N VAL A 49 -7.35 12.51 -5.32
CA VAL A 49 -6.90 12.70 -6.70
C VAL A 49 -7.78 13.73 -7.36
N PRO A 50 -7.28 14.38 -8.41
CA PRO A 50 -8.13 15.37 -9.10
C PRO A 50 -9.43 14.83 -9.66
N TRP A 51 -9.44 13.61 -10.25
CA TRP A 51 -10.61 13.22 -11.04
C TRP A 51 -11.86 13.00 -10.18
N ILE A 52 -11.71 12.53 -8.94
CA ILE A 52 -12.89 12.25 -8.11
C ILE A 52 -13.63 13.52 -7.73
N GLN A 53 -13.00 14.69 -7.87
CA GLN A 53 -13.73 15.93 -7.65
C GLN A 53 -14.80 16.18 -8.71
N GLN A 54 -14.90 15.30 -9.70
CA GLN A 54 -16.08 15.31 -10.58
C GLN A 54 -17.36 15.14 -9.76
N GLU A 55 -17.30 14.38 -8.68
CA GLU A 55 -18.48 14.10 -7.86
C GLU A 55 -18.89 15.35 -7.09
N GLY A 56 -20.18 15.69 -7.17
CA GLY A 56 -20.72 16.83 -6.46
C GLY A 56 -20.86 16.58 -4.98
N GLN A 57 -21.40 17.59 -4.29
CA GLN A 57 -21.45 17.54 -2.83
C GLN A 57 -22.41 16.48 -2.31
N ASP A 58 -23.45 16.14 -3.08
CA ASP A 58 -24.35 15.05 -2.67
C ASP A 58 -23.56 13.78 -2.36
N TYR A 59 -22.68 13.41 -3.29
CA TYR A 59 -21.79 12.27 -3.11
C TYR A 59 -20.99 12.39 -1.81
N TRP A 60 -20.31 13.52 -1.62
CA TRP A 60 -19.42 13.68 -0.48
C TRP A 60 -20.18 13.62 0.85
N ASP A 61 -21.38 14.23 0.91
CA ASP A 61 -22.21 14.15 2.11
C ASP A 61 -22.62 12.71 2.40
N GLU A 62 -23.12 12.01 1.37
CA GLU A 62 -23.57 10.65 1.60
C GLU A 62 -22.42 9.74 2.04
N GLU A 63 -21.29 9.80 1.32
CA GLU A 63 -20.16 8.96 1.69
C GLU A 63 -19.64 9.30 3.08
N THR A 64 -19.56 10.59 3.41
CA THR A 64 -19.20 11.01 4.76
C THR A 64 -20.12 10.36 5.78
N ARG A 65 -21.43 10.42 5.54
CA ARG A 65 -22.42 9.74 6.37
C ARG A 65 -22.06 8.27 6.59
N LYS A 66 -21.80 7.55 5.50
CA LYS A 66 -21.64 6.10 5.59
C LYS A 66 -20.32 5.71 6.27
N VAL A 67 -19.26 6.51 6.12
CA VAL A 67 -18.02 6.14 6.81
C VAL A 67 -17.99 6.64 8.26
N LYS A 68 -18.79 7.65 8.61
CA LYS A 68 -18.97 7.96 10.03
C LYS A 68 -19.69 6.81 10.73
N ASP A 69 -20.79 6.34 10.13
CA ASP A 69 -21.51 5.22 10.73
C ASP A 69 -20.65 3.97 10.80
N ASN A 70 -20.02 3.61 9.66
CA ASN A 70 -19.04 2.51 9.66
C ASN A 70 -18.01 2.70 10.78
N ALA A 71 -17.58 3.94 10.99
CA ALA A 71 -16.55 4.20 11.99
C ALA A 71 -17.02 3.82 13.38
N GLN A 72 -18.27 4.14 13.74
CA GLN A 72 -18.70 3.71 15.06
C GLN A 72 -18.98 2.21 15.13
N THR A 73 -19.41 1.58 14.02
CA THR A 73 -19.46 0.12 14.02
C THR A 73 -18.10 -0.48 14.36
N TYR A 74 -17.02 0.11 13.85
CA TYR A 74 -15.68 -0.41 14.16
C TYR A 74 -15.23 -0.10 15.58
N GLY A 75 -15.70 1.01 16.16
CA GLY A 75 -15.42 1.23 17.57
C GLY A 75 -16.04 0.16 18.46
N VAL A 76 -17.35 -0.06 18.30
CA VAL A 76 -18.01 -1.13 19.04
C VAL A 76 -17.29 -2.45 18.79
N GLY A 77 -17.00 -2.76 17.52
CA GLY A 77 -16.39 -4.03 17.19
C GLY A 77 -15.04 -4.22 17.85
N LEU A 78 -14.26 -3.14 17.95
CA LEU A 78 -13.01 -3.19 18.71
C LEU A 78 -13.27 -3.63 20.14
N ASN A 79 -14.23 -2.98 20.80
CA ASN A 79 -14.51 -3.34 22.19
C ASN A 79 -15.02 -4.79 22.28
N THR A 80 -15.71 -5.27 21.25
CA THR A 80 -16.22 -6.64 21.26
C THR A 80 -15.08 -7.64 21.16
N LEU A 81 -14.22 -7.49 20.15
CA LEU A 81 -13.11 -8.41 19.97
C LEU A 81 -12.22 -8.42 21.19
N ARG A 82 -11.96 -7.25 21.77
CA ARG A 82 -11.27 -7.19 23.04
C ARG A 82 -11.99 -8.02 24.09
N GLY A 83 -13.32 -8.03 24.02
CA GLY A 83 -14.08 -8.96 24.84
C GLY A 83 -13.70 -10.42 24.59
N TYR A 84 -13.73 -10.85 23.32
CA TYR A 84 -13.56 -12.26 22.99
C TYR A 84 -12.20 -12.78 23.45
N TYR A 85 -11.16 -11.99 23.28
CA TYR A 85 -9.79 -12.42 23.56
C TYR A 85 -9.40 -12.20 25.01
N ASN A 86 -10.33 -11.75 25.84
CA ASN A 86 -10.11 -11.54 27.27
C ASN A 86 -8.87 -10.68 27.51
N GLN A 87 -8.82 -9.55 26.79
CA GLN A 87 -7.75 -8.59 26.91
C GLN A 87 -8.17 -7.45 27.83
N SER A 88 -7.20 -6.72 28.37
CA SER A 88 -7.50 -5.60 29.30
C SER A 88 -7.87 -4.35 28.52
N GLU A 89 -8.31 -3.31 29.22
CA GLU A 89 -8.64 -2.01 28.59
C GLU A 89 -7.44 -1.07 28.71
N ALA A 90 -6.26 -1.59 29.02
CA ALA A 90 -5.06 -0.75 29.19
C ALA A 90 -4.19 -0.76 27.93
N GLY A 91 -4.41 -1.69 27.01
CA GLY A 91 -3.61 -1.73 25.80
C GLY A 91 -4.42 -1.27 24.60
N SER A 92 -3.72 -0.73 23.61
CA SER A 92 -4.33 -0.37 22.34
C SER A 92 -4.30 -1.56 21.39
N HIS A 93 -5.36 -1.69 20.60
CA HIS A 93 -5.50 -2.81 19.70
C HIS A 93 -6.02 -2.31 18.35
N THR A 94 -5.92 -3.17 17.34
CA THR A 94 -6.18 -2.76 15.96
C THR A 94 -7.20 -3.70 15.31
N LEU A 95 -8.21 -3.12 14.67
CA LEU A 95 -9.17 -3.86 13.85
C LEU A 95 -9.10 -3.33 12.43
N GLN A 96 -8.68 -4.17 11.49
CA GLN A 96 -8.57 -3.78 10.08
C GLN A 96 -9.55 -4.55 9.22
N SER A 97 -9.99 -3.91 8.13
CA SER A 97 -10.79 -4.57 7.12
C SER A 97 -10.33 -4.12 5.75
N MET A 98 -10.47 -5.00 4.76
CA MET A 98 -10.33 -4.59 3.38
C MET A 98 -11.40 -5.30 2.56
N TYR A 99 -12.01 -4.57 1.63
CA TYR A 99 -13.05 -5.20 0.82
C TYR A 99 -13.08 -4.56 -0.56
N GLY A 100 -13.55 -5.30 -1.55
CA GLY A 100 -13.56 -4.72 -2.88
C GLY A 100 -14.02 -5.69 -3.93
N CYS A 101 -14.09 -5.16 -5.16
CA CYS A 101 -14.65 -5.86 -6.31
C CYS A 101 -13.74 -5.72 -7.52
N TYR A 102 -13.76 -6.74 -8.38
CA TYR A 102 -13.09 -6.72 -9.67
C TYR A 102 -14.13 -6.79 -10.77
N LEU A 103 -14.01 -5.90 -11.76
CA LEU A 103 -15.00 -5.81 -12.83
C LEU A 103 -14.64 -6.77 -13.96
N GLY A 104 -15.62 -7.59 -14.35
CA GLY A 104 -15.40 -8.62 -15.33
C GLY A 104 -15.88 -8.26 -16.72
N PRO A 105 -15.57 -9.13 -17.70
CA PRO A 105 -15.90 -8.84 -19.10
C PRO A 105 -17.36 -8.47 -19.33
N ASP A 106 -18.23 -8.89 -18.42
CA ASP A 106 -19.67 -8.69 -18.61
C ASP A 106 -20.10 -7.24 -18.42
N GLY A 107 -19.29 -6.44 -17.76
CA GLY A 107 -19.84 -5.32 -17.01
C GLY A 107 -20.32 -5.72 -15.64
N LEU A 108 -20.02 -6.95 -15.20
CA LEU A 108 -20.45 -7.53 -13.95
C LEU A 108 -19.24 -7.84 -13.09
N LEU A 109 -19.50 -8.44 -11.94
CA LEU A 109 -18.48 -8.67 -10.92
C LEU A 109 -17.70 -9.95 -11.26
N LEU A 110 -16.38 -9.82 -11.40
CA LEU A 110 -15.53 -10.98 -11.64
C LEU A 110 -15.34 -11.80 -10.37
N HIS A 111 -14.95 -11.13 -9.29
CA HIS A 111 -14.88 -11.71 -7.96
C HIS A 111 -14.72 -10.55 -6.99
N GLY A 112 -14.97 -10.84 -5.72
CA GLY A 112 -14.96 -9.80 -4.72
C GLY A 112 -14.63 -10.39 -3.37
N TYR A 113 -14.36 -9.52 -2.41
CA TYR A 113 -13.83 -10.01 -1.15
C TYR A 113 -14.14 -9.05 -0.01
N ARG A 114 -14.00 -9.59 1.19
CA ARG A 114 -14.09 -8.83 2.43
C ARG A 114 -13.31 -9.63 3.47
N GLN A 115 -12.21 -9.07 3.97
CA GLN A 115 -11.38 -9.72 4.98
C GLN A 115 -11.18 -8.79 6.17
N ASP A 116 -11.14 -9.40 7.35
CA ASP A 116 -11.03 -8.72 8.63
C ASP A 116 -9.88 -9.33 9.41
N ALA A 117 -9.06 -8.44 9.99
CA ALA A 117 -7.94 -8.83 10.85
C ALA A 117 -8.03 -8.10 12.19
N TYR A 118 -7.62 -8.81 13.25
CA TYR A 118 -7.48 -8.23 14.57
C TYR A 118 -6.00 -8.26 14.94
N ASP A 119 -5.50 -7.11 15.42
CA ASP A 119 -4.10 -6.97 15.82
C ASP A 119 -3.15 -7.53 14.76
N GLY A 120 -3.42 -7.21 13.50
CA GLY A 120 -2.59 -7.63 12.39
C GLY A 120 -2.74 -9.08 11.96
N ALA A 121 -3.55 -9.88 12.65
CA ALA A 121 -3.72 -11.29 12.34
C ALA A 121 -5.09 -11.55 11.73
N ASP A 122 -5.12 -12.41 10.70
CA ASP A 122 -6.36 -12.85 10.08
C ASP A 122 -7.42 -13.12 11.14
N TYR A 123 -8.64 -12.61 10.90
CA TYR A 123 -9.75 -12.89 11.78
C TYR A 123 -10.89 -13.59 11.05
N ILE A 124 -11.52 -12.95 10.05
CA ILE A 124 -12.60 -13.64 9.33
C ILE A 124 -12.60 -13.14 7.89
N ALA A 125 -12.98 -14.03 6.97
CA ALA A 125 -13.00 -13.65 5.57
C ALA A 125 -14.24 -14.20 4.87
N LEU A 126 -14.74 -13.44 3.92
CA LEU A 126 -15.79 -13.92 3.03
C LEU A 126 -15.17 -14.81 1.97
N ASN A 127 -15.88 -15.88 1.61
CA ASN A 127 -15.35 -16.85 0.67
C ASN A 127 -15.71 -16.47 -0.76
N GLU A 128 -15.08 -17.17 -1.71
CA GLU A 128 -15.22 -16.84 -3.12
C GLU A 128 -16.68 -16.84 -3.57
N ASP A 129 -17.49 -17.77 -3.04
CA ASP A 129 -18.90 -17.85 -3.43
C ASP A 129 -19.72 -16.68 -2.90
N LEU A 130 -19.18 -15.85 -2.01
CA LEU A 130 -19.89 -14.72 -1.42
C LEU A 130 -21.13 -15.16 -0.65
N ARG A 131 -21.10 -16.40 -0.15
CA ARG A 131 -22.20 -16.96 0.63
C ARG A 131 -21.75 -17.66 1.90
N SER A 132 -20.46 -17.60 2.25
CA SER A 132 -19.98 -18.35 3.40
C SER A 132 -18.74 -17.66 3.95
N TRP A 133 -18.43 -17.95 5.20
CA TRP A 133 -17.33 -17.33 5.91
C TRP A 133 -16.27 -18.35 6.28
N THR A 134 -15.03 -17.87 6.38
CA THR A 134 -13.89 -18.62 6.89
C THR A 134 -13.39 -17.93 8.15
N ALA A 135 -13.49 -18.64 9.27
CA ALA A 135 -13.07 -18.14 10.57
C ALA A 135 -11.63 -18.56 10.82
N ALA A 136 -10.78 -17.58 11.13
CA ALA A 136 -9.35 -17.85 11.29
C ALA A 136 -9.03 -18.48 12.63
N ASP A 137 -9.86 -18.31 13.66
CA ASP A 137 -9.58 -18.91 14.96
C ASP A 137 -10.89 -19.15 15.69
N MET A 138 -10.76 -19.47 16.98
CA MET A 138 -11.90 -19.82 17.85
C MET A 138 -12.90 -18.68 17.98
N ALA A 139 -12.43 -17.44 18.15
CA ALA A 139 -13.32 -16.29 18.31
C ALA A 139 -14.07 -15.99 17.02
N ALA A 140 -13.38 -16.09 15.89
CA ALA A 140 -14.03 -15.84 14.61
C ALA A 140 -15.14 -16.84 14.33
N GLN A 141 -15.18 -17.97 15.04
CA GLN A 141 -16.33 -18.87 14.94
C GLN A 141 -17.56 -18.26 15.60
N ILE A 142 -17.36 -17.55 16.72
CA ILE A 142 -18.45 -16.76 17.30
C ILE A 142 -18.98 -15.77 16.28
N THR A 143 -18.07 -14.94 15.73
CA THR A 143 -18.53 -13.98 14.71
C THR A 143 -19.20 -14.69 13.54
N LYS A 144 -18.67 -15.85 13.16
CA LYS A 144 -19.17 -16.57 11.98
C LYS A 144 -20.61 -17.03 12.18
N ARG A 145 -20.88 -17.74 13.27
CA ARG A 145 -22.24 -18.13 13.57
C ARG A 145 -23.18 -16.93 13.59
N LYS A 146 -22.75 -15.84 14.24
CA LYS A 146 -23.56 -14.62 14.22
C LYS A 146 -23.89 -14.19 12.78
N TRP A 147 -22.89 -14.18 11.90
CA TRP A 147 -23.07 -13.62 10.57
C TRP A 147 -23.84 -14.55 9.63
N GLU A 148 -23.71 -15.87 9.81
CA GLU A 148 -24.55 -16.81 9.08
C GLU A 148 -26.00 -16.61 9.46
N ALA A 149 -26.28 -16.58 10.77
CA ALA A 149 -27.67 -16.53 11.23
C ALA A 149 -28.35 -15.26 10.80
N ALA A 150 -27.60 -14.17 10.63
CA ALA A 150 -28.15 -12.90 10.20
C ALA A 150 -27.99 -12.66 8.71
N ASN A 151 -27.41 -13.61 7.97
CA ASN A 151 -27.25 -13.48 6.52
C ASN A 151 -26.47 -12.22 6.15
N VAL A 152 -25.38 -11.96 6.88
CA VAL A 152 -24.52 -10.81 6.56
C VAL A 152 -23.85 -11.01 5.20
N ALA A 153 -23.60 -12.26 4.84
CA ALA A 153 -23.02 -12.57 3.54
C ALA A 153 -23.81 -11.94 2.41
N GLU A 154 -25.15 -11.92 2.52
CA GLU A 154 -25.95 -11.35 1.43
C GLU A 154 -25.86 -9.82 1.40
N ARG A 155 -25.59 -9.19 2.52
CA ARG A 155 -25.34 -7.73 2.51
C ARG A 155 -24.04 -7.47 1.74
N ARG A 156 -22.95 -8.14 2.11
CA ARG A 156 -21.69 -7.89 1.40
C ARG A 156 -21.77 -8.35 -0.06
N ARG A 157 -22.56 -9.39 -0.35
CA ARG A 157 -22.69 -9.85 -1.73
C ARG A 157 -23.49 -8.86 -2.57
N SER A 158 -24.63 -8.38 -2.06
CA SER A 158 -25.42 -7.44 -2.84
C SER A 158 -24.67 -6.13 -3.05
N TYR A 159 -23.82 -5.73 -2.10
CA TYR A 159 -22.97 -4.58 -2.33
C TYR A 159 -21.96 -4.87 -3.43
N LEU A 160 -21.22 -5.97 -3.30
CA LEU A 160 -20.19 -6.29 -4.29
C LEU A 160 -20.77 -6.42 -5.69
N GLN A 161 -21.92 -7.08 -5.81
CA GLN A 161 -22.55 -7.31 -7.10
C GLN A 161 -23.26 -6.08 -7.65
N GLY A 162 -23.72 -5.19 -6.79
CA GLY A 162 -24.49 -4.04 -7.23
C GLY A 162 -23.73 -2.74 -7.21
N LEU A 163 -23.68 -2.10 -6.04
CA LEU A 163 -23.09 -0.76 -5.94
C LEU A 163 -21.60 -0.76 -6.28
N CYS A 164 -20.86 -1.76 -5.80
CA CYS A 164 -19.41 -1.75 -5.95
C CYS A 164 -19.00 -1.67 -7.42
N VAL A 165 -19.51 -2.57 -8.25
CA VAL A 165 -19.07 -2.61 -9.64
C VAL A 165 -19.64 -1.44 -10.44
N GLU A 166 -20.84 -0.98 -10.12
CA GLU A 166 -21.42 0.17 -10.81
C GLU A 166 -20.58 1.42 -10.56
N SER A 167 -20.23 1.66 -9.30
CA SER A 167 -19.33 2.78 -8.99
C SER A 167 -17.97 2.58 -9.62
N LEU A 168 -17.44 1.35 -9.63
CA LEU A 168 -16.15 1.10 -10.26
C LEU A 168 -16.17 1.51 -11.73
N ARG A 169 -17.25 1.15 -12.43
CA ARG A 169 -17.36 1.55 -13.84
C ARG A 169 -17.40 3.07 -13.97
N ARG A 170 -18.15 3.75 -13.10
CA ARG A 170 -18.22 5.21 -13.18
C ARG A 170 -16.86 5.84 -12.91
N TYR A 171 -16.15 5.37 -11.88
CA TYR A 171 -14.85 5.90 -11.54
C TYR A 171 -13.85 5.69 -12.66
N LEU A 172 -13.92 4.52 -13.32
CA LEU A 172 -13.03 4.27 -14.45
C LEU A 172 -13.33 5.22 -15.61
N GLU A 173 -14.60 5.58 -15.81
CA GLU A 173 -14.91 6.57 -16.83
C GLU A 173 -14.37 7.95 -16.45
N MET A 174 -14.62 8.39 -15.21
CA MET A 174 -14.21 9.73 -14.80
C MET A 174 -12.71 9.92 -14.92
N GLY A 175 -11.93 8.96 -14.45
CA GLY A 175 -10.49 9.08 -14.54
C GLY A 175 -9.91 8.30 -15.71
N LYS A 176 -10.64 8.31 -16.83
CA LYS A 176 -10.26 7.51 -17.99
C LYS A 176 -8.81 7.76 -18.42
N ASP A 177 -8.38 9.03 -18.35
CA ASP A 177 -7.06 9.41 -18.87
C ASP A 177 -5.91 9.00 -17.96
N THR A 178 -6.18 8.54 -16.75
CA THR A 178 -5.15 8.15 -15.80
C THR A 178 -5.26 6.71 -15.33
N LEU A 179 -6.48 6.21 -15.12
CA LEU A 179 -6.68 4.89 -14.52
C LEU A 179 -6.61 3.75 -15.53
N GLN A 180 -6.92 4.03 -16.79
CA GLN A 180 -6.93 3.00 -17.81
C GLN A 180 -5.60 2.88 -18.55
N ARG A 181 -4.69 3.83 -18.35
CA ARG A 181 -3.37 3.80 -18.98
C ARG A 181 -2.41 3.01 -18.11
N ALA A 182 -1.95 1.87 -18.63
CA ALA A 182 -0.82 1.17 -18.04
C ALA A 182 0.46 1.80 -18.56
N GLU A 183 1.34 2.21 -17.66
CA GLU A 183 2.57 2.87 -18.07
C GLU A 183 3.74 1.94 -17.85
N PRO A 184 4.56 1.69 -18.85
CA PRO A 184 5.61 0.67 -18.74
C PRO A 184 6.81 1.21 -17.98
N PRO A 185 7.73 0.34 -17.56
CA PRO A 185 8.94 0.83 -16.92
C PRO A 185 9.86 1.53 -17.88
N LYS A 186 10.43 2.65 -17.43
CA LYS A 186 11.67 3.12 -18.01
C LYS A 186 12.81 2.39 -17.31
N THR A 187 13.67 1.76 -18.09
CA THR A 187 14.68 0.84 -17.57
C THR A 187 16.08 1.25 -18.02
N HIS A 188 17.06 0.87 -17.21
CA HIS A 188 18.48 1.00 -17.50
C HIS A 188 19.24 0.27 -16.41
N VAL A 189 20.49 -0.10 -16.73
CA VAL A 189 21.38 -0.80 -15.81
C VAL A 189 22.54 0.12 -15.47
N THR A 190 22.81 0.29 -14.17
CA THR A 190 23.99 0.99 -13.68
C THR A 190 25.04 -0.01 -13.23
N ARG A 191 26.28 0.46 -13.20
CA ARG A 191 27.46 -0.35 -12.88
C ARG A 191 28.25 0.30 -11.74
N HIS A 192 28.53 -0.44 -10.69
CA HIS A 192 29.26 0.09 -9.52
C HIS A 192 30.43 -0.82 -9.18
N PRO A 193 31.66 -0.56 -9.66
CA PRO A 193 32.82 -1.36 -9.29
C PRO A 193 32.97 -1.04 -7.80
N SER A 194 33.13 -2.04 -6.96
CA SER A 194 33.06 -1.70 -5.51
C SER A 194 33.77 -2.67 -4.55
N SER A 195 33.90 -3.96 -4.85
CA SER A 195 34.45 -4.87 -3.81
C SER A 195 35.83 -5.39 -4.21
N ASP A 196 36.78 -4.36 -4.30
CA ASP A 196 38.16 -4.69 -4.76
C ASP A 196 38.09 -5.09 -6.23
N LEU A 197 37.26 -6.18 -6.50
CA LEU A 197 37.11 -6.54 -7.93
C LEU A 197 35.63 -6.82 -8.25
N GLY A 198 34.83 -7.26 -7.29
CA GLY A 198 33.42 -7.52 -7.66
C GLY A 198 32.66 -6.29 -8.13
N VAL A 199 31.98 -6.36 -9.27
CA VAL A 199 31.20 -5.19 -9.78
C VAL A 199 29.69 -5.38 -9.54
N THR A 200 29.03 -4.34 -9.05
CA THR A 200 27.59 -4.42 -8.82
C THR A 200 26.84 -3.92 -10.05
N LEU A 201 25.94 -4.74 -10.58
CA LEU A 201 25.04 -4.33 -11.65
C LEU A 201 23.66 -4.14 -11.07
N ARG A 202 23.03 -3.00 -11.37
CA ARG A 202 21.73 -2.67 -10.82
C ARG A 202 20.78 -2.35 -11.96
N CYS A 203 19.68 -3.11 -12.04
CA CYS A 203 18.68 -2.93 -13.07
C CYS A 203 17.50 -2.17 -12.47
N TRP A 204 17.23 -0.98 -13.02
CA TRP A 204 16.19 -0.08 -12.54
C TRP A 204 14.94 -0.16 -13.42
N ALA A 205 13.79 -0.04 -12.77
CA ALA A 205 12.51 0.16 -13.45
C ALA A 205 11.80 1.29 -12.72
N LEU A 206 11.60 2.42 -13.41
CA LEU A 206 10.97 3.57 -12.78
C LEU A 206 9.81 4.06 -13.63
N GLY A 207 8.80 4.60 -12.97
CA GLY A 207 7.75 5.34 -13.63
C GLY A 207 6.57 4.53 -14.11
N PHE A 208 6.39 3.31 -13.60
CA PHE A 208 5.41 2.39 -14.15
C PHE A 208 4.17 2.30 -13.27
N TYR A 209 3.11 1.80 -13.88
CA TYR A 209 1.80 1.66 -13.27
C TYR A 209 1.00 0.68 -14.12
N PRO A 210 0.32 -0.31 -13.52
CA PRO A 210 0.15 -0.54 -12.07
C PRO A 210 1.35 -1.13 -11.34
N LYS A 211 1.11 -1.44 -10.06
CA LYS A 211 2.17 -1.83 -9.14
C LYS A 211 2.94 -3.06 -9.62
N GLU A 212 2.23 -4.16 -9.85
CA GLU A 212 2.91 -5.45 -9.99
C GLU A 212 3.89 -5.41 -11.15
N ILE A 213 5.10 -5.91 -10.90
CA ILE A 213 6.17 -5.96 -11.88
C ILE A 213 7.03 -7.16 -11.54
N SER A 214 7.85 -7.60 -12.50
CA SER A 214 8.83 -8.64 -12.25
C SER A 214 10.17 -8.23 -12.83
N LEU A 215 11.22 -8.28 -12.01
CA LEU A 215 12.60 -8.11 -12.45
C LEU A 215 13.41 -9.32 -12.01
N THR A 216 14.15 -9.91 -12.94
CA THR A 216 15.03 -11.01 -12.61
C THR A 216 16.34 -10.86 -13.37
N TRP A 217 17.41 -11.45 -12.81
CA TRP A 217 18.71 -11.46 -13.46
C TRP A 217 19.01 -12.88 -13.93
N GLN A 218 19.59 -13.00 -15.12
CA GLN A 218 19.92 -14.27 -15.74
C GLN A 218 21.39 -14.28 -16.15
N ARG A 219 22.03 -15.42 -15.98
CA ARG A 219 23.41 -15.62 -16.42
C ARG A 219 23.45 -16.67 -17.53
N GLU A 220 24.33 -16.45 -18.50
CA GLU A 220 24.26 -17.16 -19.78
C GLU A 220 24.38 -18.67 -19.64
N GLY A 221 25.10 -19.16 -18.64
CA GLY A 221 25.23 -20.60 -18.53
C GLY A 221 24.13 -21.32 -17.79
N GLN A 222 23.27 -20.62 -17.05
CA GLN A 222 22.38 -21.24 -16.08
C GLN A 222 20.91 -20.94 -16.38
N ASP A 223 20.06 -21.93 -16.17
CA ASP A 223 18.64 -21.77 -16.46
C ASP A 223 17.89 -21.07 -15.34
N GLN A 224 18.32 -21.23 -14.09
CA GLN A 224 17.63 -20.57 -12.98
C GLN A 224 18.05 -19.12 -12.87
N SER A 225 17.12 -18.30 -12.39
CA SER A 225 17.45 -16.90 -12.18
C SER A 225 18.47 -16.77 -11.05
N GLN A 226 19.28 -15.72 -11.13
CA GLN A 226 20.38 -15.54 -10.22
C GLN A 226 19.89 -15.02 -8.86
N ASP A 227 20.70 -15.26 -7.82
CA ASP A 227 20.47 -14.59 -6.55
C ASP A 227 20.70 -13.10 -6.70
N MET A 228 19.80 -12.32 -6.13
CA MET A 228 19.87 -10.88 -6.31
C MET A 228 19.44 -10.18 -5.03
N GLU A 229 19.81 -8.91 -4.96
CA GLU A 229 19.36 -8.01 -3.91
C GLU A 229 18.20 -7.21 -4.50
N LEU A 230 17.00 -7.46 -4.00
CA LEU A 230 15.78 -6.92 -4.56
C LEU A 230 15.12 -6.00 -3.54
N VAL A 231 14.76 -4.78 -3.96
CA VAL A 231 13.99 -3.90 -3.10
C VAL A 231 12.50 -4.13 -3.33
N GLU A 232 11.74 -3.93 -2.26
CA GLU A 232 10.28 -3.93 -2.38
C GLU A 232 9.83 -2.83 -3.33
N THR A 233 8.78 -3.12 -4.11
CA THR A 233 8.25 -2.11 -5.02
C THR A 233 7.73 -0.91 -4.23
N ARG A 234 8.11 0.29 -4.68
CA ARG A 234 7.90 1.49 -3.89
C ARG A 234 7.26 2.59 -4.73
N PRO A 235 6.49 3.47 -4.08
CA PRO A 235 5.84 4.57 -4.82
C PRO A 235 6.83 5.66 -5.22
N SER A 236 6.61 6.21 -6.41
CA SER A 236 7.43 7.30 -6.91
C SER A 236 7.07 8.64 -6.26
N GLY A 237 5.86 8.76 -5.72
CA GLY A 237 5.38 10.01 -5.18
C GLY A 237 4.39 10.72 -6.08
N ASP A 238 4.33 10.33 -7.36
CA ASP A 238 3.47 11.00 -8.33
C ASP A 238 2.40 10.07 -8.89
N GLY A 239 2.26 8.86 -8.37
CA GLY A 239 1.28 7.92 -8.86
C GLY A 239 1.87 6.72 -9.56
N THR A 240 3.15 6.76 -9.92
CA THR A 240 3.84 5.62 -10.51
C THR A 240 4.59 4.87 -9.42
N PHE A 241 5.34 3.84 -9.82
CA PHE A 241 6.10 3.03 -8.89
C PHE A 241 7.50 2.79 -9.45
N GLN A 242 8.35 2.22 -8.61
CA GLN A 242 9.72 1.94 -9.02
C GLN A 242 10.28 0.76 -8.22
N LYS A 243 11.28 0.11 -8.82
CA LYS A 243 11.90 -1.08 -8.25
C LYS A 243 13.28 -1.21 -8.89
N TRP A 244 14.19 -1.90 -8.20
CA TRP A 244 15.42 -2.32 -8.85
C TRP A 244 15.84 -3.68 -8.31
N ALA A 245 16.67 -4.36 -9.10
CA ALA A 245 17.27 -5.63 -8.68
C ALA A 245 18.73 -5.60 -9.07
N ALA A 246 19.61 -6.01 -8.15
CA ALA A 246 21.04 -5.93 -8.38
C ALA A 246 21.70 -7.26 -8.07
N LEU A 247 22.92 -7.42 -8.57
CA LEU A 247 23.77 -8.54 -8.17
C LEU A 247 25.22 -8.16 -8.43
N VAL A 248 26.13 -8.87 -7.77
CA VAL A 248 27.56 -8.66 -7.93
C VAL A 248 28.11 -9.72 -8.87
N VAL A 249 28.89 -9.28 -9.86
CA VAL A 249 29.42 -10.16 -10.91
C VAL A 249 30.94 -9.98 -10.97
N PRO A 250 31.67 -10.98 -11.47
CA PRO A 250 33.12 -10.84 -11.54
C PRO A 250 33.50 -9.72 -12.50
N PRO A 251 34.62 -9.04 -12.23
CA PRO A 251 35.06 -7.98 -13.15
C PRO A 251 35.31 -8.55 -14.53
N GLY A 252 34.81 -7.85 -15.55
CA GLY A 252 35.00 -8.24 -16.92
C GLY A 252 33.95 -9.16 -17.50
N GLU A 253 33.00 -9.63 -16.70
CA GLU A 253 32.01 -10.61 -17.14
C GLU A 253 30.60 -10.03 -17.20
N GLU A 254 30.47 -8.70 -17.29
CA GLU A 254 29.15 -8.07 -17.18
C GLU A 254 28.23 -8.47 -18.32
N GLN A 255 28.78 -8.75 -19.50
CA GLN A 255 27.97 -9.09 -20.65
C GLN A 255 27.45 -10.52 -20.61
N SER A 256 27.73 -11.27 -19.54
CA SER A 256 27.07 -12.56 -19.35
C SER A 256 25.70 -12.42 -18.70
N TYR A 257 25.42 -11.28 -18.07
CA TYR A 257 24.22 -11.11 -17.25
C TYR A 257 23.21 -10.23 -17.95
N THR A 258 21.95 -10.67 -17.94
CA THR A 258 20.84 -9.93 -18.53
C THR A 258 19.76 -9.68 -17.48
N CYS A 259 19.16 -8.50 -17.54
CA CYS A 259 18.02 -8.15 -16.72
C CYS A 259 16.74 -8.34 -17.52
N HIS A 260 15.78 -9.03 -16.92
CA HIS A 260 14.50 -9.34 -17.54
C HIS A 260 13.38 -8.62 -16.79
N VAL A 261 12.61 -7.83 -17.53
CA VAL A 261 11.60 -6.94 -17.00
C VAL A 261 10.27 -7.34 -17.61
N GLN A 262 9.32 -7.69 -16.75
CA GLN A 262 7.94 -8.01 -17.15
C GLN A 262 6.99 -7.04 -16.46
N HIS A 263 6.09 -6.47 -17.25
CA HIS A 263 5.09 -5.52 -16.80
C HIS A 263 3.97 -5.51 -17.83
N GLU A 264 2.71 -5.45 -17.37
CA GLU A 264 1.60 -5.48 -18.32
C GLU A 264 1.50 -4.20 -19.14
N GLY A 265 2.27 -3.17 -18.80
CA GLY A 265 2.41 -2.04 -19.70
C GLY A 265 3.39 -2.24 -20.82
N LEU A 266 4.08 -3.38 -20.86
CA LEU A 266 5.04 -3.57 -21.98
C LEU A 266 4.44 -4.44 -23.06
N GLN A 267 4.81 -4.19 -24.33
CA GLN A 267 4.34 -5.03 -25.45
C GLN A 267 4.86 -6.45 -25.22
N GLU A 268 6.17 -6.68 -25.30
CA GLU A 268 6.65 -7.99 -24.91
C GLU A 268 7.71 -7.82 -23.83
N PRO A 269 8.08 -8.90 -23.13
CA PRO A 269 9.12 -8.80 -22.10
C PRO A 269 10.38 -8.08 -22.58
N LEU A 270 11.09 -7.49 -21.63
CA LEU A 270 12.23 -6.63 -21.93
C LEU A 270 13.52 -7.27 -21.43
N THR A 271 14.48 -7.45 -22.33
CA THR A 271 15.84 -7.82 -21.95
C THR A 271 16.73 -6.58 -22.01
N LEU A 272 17.62 -6.46 -21.03
CA LEU A 272 18.42 -5.26 -20.89
C LEU A 272 19.75 -5.65 -20.28
N ARG A 273 20.81 -4.95 -20.66
CA ARG A 273 22.15 -5.26 -20.16
C ARG A 273 22.86 -3.97 -19.81
N TRP A 274 23.94 -4.09 -19.04
CA TRP A 274 24.93 -3.02 -19.02
C TRP A 274 25.50 -2.93 -20.42
N ASP A 275 25.19 -1.85 -21.12
CA ASP A 275 25.71 -1.65 -22.47
C ASP A 275 27.04 -0.91 -22.39
N ALA B 3 4.42 -7.71 17.02
CA ALA B 3 4.95 -6.45 16.45
C ALA B 3 6.06 -6.77 15.43
N ARG B 4 5.91 -6.21 14.24
CA ARG B 4 6.89 -6.41 13.15
C ARG B 4 7.61 -5.10 12.89
N PRO B 5 8.93 -5.08 12.70
CA PRO B 5 9.64 -3.85 12.49
C PRO B 5 9.41 -3.28 11.09
N PRO B 6 9.57 -1.96 10.92
CA PRO B 6 9.45 -1.38 9.62
C PRO B 6 10.72 -1.56 8.79
N LYS B 7 10.52 -1.69 7.49
CA LYS B 7 11.58 -1.72 6.46
C LYS B 7 11.56 -0.30 5.91
N VAL B 8 12.73 0.29 5.71
CA VAL B 8 12.76 1.72 5.35
C VAL B 8 13.59 1.94 4.09
N GLN B 9 13.02 2.61 3.11
CA GLN B 9 13.76 2.96 1.88
C GLN B 9 13.74 4.48 1.72
N VAL B 10 14.87 5.04 1.29
CA VAL B 10 15.01 6.47 0.98
C VAL B 10 15.55 6.52 -0.44
N TYR B 11 14.92 7.30 -1.30
CA TYR B 11 15.30 7.31 -2.73
C TYR B 11 14.65 8.52 -3.40
N SER B 12 15.21 8.91 -4.53
CA SER B 12 14.67 10.04 -5.31
C SER B 12 13.65 9.53 -6.33
N ARG B 13 12.74 10.40 -6.76
CA ARG B 13 11.71 10.01 -7.76
C ARG B 13 12.42 9.80 -9.09
N HIS B 14 13.42 10.62 -9.38
CA HIS B 14 14.21 10.52 -10.62
C HIS B 14 15.67 10.35 -10.26
N PRO B 15 16.51 9.85 -11.19
CA PRO B 15 17.94 9.72 -10.95
C PRO B 15 18.52 11.09 -10.58
N ALA B 16 19.29 11.09 -9.51
CA ALA B 16 19.87 12.31 -8.93
C ALA B 16 20.89 12.99 -9.85
N GLU B 17 20.70 14.29 -9.99
CA GLU B 17 21.58 15.17 -10.78
C GLU B 17 21.87 16.36 -9.86
N ASN B 18 23.12 16.59 -9.51
CA ASN B 18 23.45 17.70 -8.58
C ASN B 18 22.92 19.03 -9.10
N GLY B 19 22.27 19.80 -8.26
CA GLY B 19 21.76 21.14 -8.62
C GLY B 19 20.49 21.13 -9.45
N LYS B 20 19.82 19.99 -9.57
CA LYS B 20 18.57 19.94 -10.37
C LYS B 20 17.44 19.39 -9.49
N PRO B 21 16.34 20.14 -9.31
CA PRO B 21 15.23 19.73 -8.45
C PRO B 21 14.71 18.30 -8.69
N ASN B 22 14.36 17.67 -7.59
CA ASN B 22 13.86 16.28 -7.56
C ASN B 22 12.92 16.12 -6.36
N TYR B 23 12.51 14.89 -6.09
CA TYR B 23 11.63 14.57 -4.95
C TYR B 23 12.33 13.51 -4.12
N LEU B 24 12.38 13.73 -2.82
CA LEU B 24 13.01 12.76 -1.89
C LEU B 24 11.89 11.96 -1.26
N ASN B 25 11.98 10.65 -1.28
CA ASN B 25 10.88 9.84 -0.72
C ASN B 25 11.40 8.97 0.41
N CYS B 26 10.58 8.79 1.43
CA CYS B 26 10.92 7.83 2.51
C CYS B 26 9.76 6.85 2.61
N TYR B 27 9.92 5.67 2.02
CA TYR B 27 8.90 4.61 2.05
C TYR B 27 9.12 3.73 3.28
N VAL B 28 8.08 3.57 4.08
CA VAL B 28 8.17 2.75 5.32
C VAL B 28 7.06 1.71 5.27
N SER B 29 7.39 0.43 5.36
CA SER B 29 6.37 -0.63 5.21
C SER B 29 6.68 -1.87 6.05
N GLY B 30 5.70 -2.76 6.14
CA GLY B 30 5.80 -4.03 6.85
C GLY B 30 5.71 -3.94 8.37
N PHE B 31 5.27 -2.83 8.91
CA PHE B 31 5.27 -2.63 10.38
C PHE B 31 3.89 -2.84 11.00
N HIS B 32 3.88 -3.13 12.30
CA HIS B 32 2.67 -3.35 13.11
C HIS B 32 3.07 -3.25 14.58
N PRO B 33 2.38 -2.51 15.46
CA PRO B 33 1.23 -1.68 15.12
C PRO B 33 1.49 -0.41 14.30
N PRO B 34 0.44 0.36 13.96
CA PRO B 34 0.58 1.52 13.11
C PRO B 34 1.18 2.81 13.69
N GLN B 35 1.43 2.87 14.99
CA GLN B 35 2.00 4.11 15.56
C GLN B 35 3.46 4.22 15.09
N ILE B 36 3.83 5.35 14.50
CA ILE B 36 5.22 5.46 13.98
C ILE B 36 5.61 6.93 13.83
N GLU B 37 6.91 7.20 13.89
CA GLU B 37 7.46 8.56 13.66
C GLU B 37 8.40 8.49 12.46
N ILE B 38 8.05 9.14 11.36
CA ILE B 38 8.94 9.11 10.17
C ILE B 38 9.33 10.56 9.84
N ASP B 39 10.62 10.85 9.88
CA ASP B 39 11.09 12.23 9.59
C ASP B 39 12.17 12.24 8.51
N LEU B 40 11.98 13.08 7.52
CA LEU B 40 12.99 13.31 6.46
C LEU B 40 13.99 14.32 7.02
N LEU B 41 15.26 13.99 6.97
CA LEU B 41 16.29 14.87 7.57
C LEU B 41 17.26 15.37 6.51
N LYS B 42 17.48 16.67 6.50
CA LYS B 42 18.50 17.30 5.63
C LYS B 42 19.60 17.77 6.57
N ASN B 43 20.70 17.04 6.62
CA ASN B 43 21.84 17.37 7.51
C ASN B 43 21.36 17.40 8.96
N GLY B 44 20.57 16.39 9.34
CA GLY B 44 20.08 16.19 10.70
C GLY B 44 18.87 17.03 11.07
N GLU B 45 18.42 17.94 10.23
CA GLU B 45 17.25 18.78 10.60
C GLU B 45 16.01 18.37 9.80
N LYS B 46 14.90 18.18 10.49
CA LYS B 46 13.63 17.74 9.88
C LYS B 46 13.22 18.66 8.72
N MET B 47 12.82 18.07 7.60
CA MET B 47 12.35 18.85 6.44
C MET B 47 10.82 18.87 6.49
N ASN B 48 10.21 19.94 5.98
CA ASN B 48 8.74 19.96 5.92
C ASN B 48 8.33 18.98 4.82
N ALA B 49 7.65 17.90 5.19
CA ALA B 49 7.28 16.89 4.17
C ALA B 49 5.88 16.39 4.42
N GLU B 50 5.17 16.02 3.36
CA GLU B 50 3.80 15.52 3.54
C GLU B 50 3.83 14.01 3.77
N GLN B 51 2.88 13.52 4.56
CA GLN B 51 2.79 12.09 4.87
C GLN B 51 1.55 11.54 4.20
N SER B 52 1.66 10.36 3.64
CA SER B 52 0.51 9.70 2.99
C SER B 52 -0.49 9.20 4.03
N ASP B 53 -1.70 8.92 3.57
CA ASP B 53 -2.75 8.37 4.45
C ASP B 53 -2.40 6.92 4.75
N LEU B 54 -2.58 6.52 5.99
CA LEU B 54 -2.31 5.15 6.49
C LEU B 54 -3.06 4.10 5.68
N SER B 55 -2.32 3.13 5.14
CA SER B 55 -2.89 1.98 4.41
C SER B 55 -2.12 0.71 4.75
N PHE B 56 -2.53 -0.42 4.21
CA PHE B 56 -1.85 -1.69 4.52
C PHE B 56 -1.85 -2.64 3.32
N SER B 57 -0.97 -3.63 3.37
CA SER B 57 -0.83 -4.69 2.34
C SER B 57 -1.81 -5.81 2.61
N LYS B 58 -1.72 -6.91 1.87
CA LYS B 58 -2.63 -8.06 2.04
C LYS B 58 -2.29 -8.84 3.31
N ASP B 59 -1.08 -8.68 3.85
CA ASP B 59 -0.58 -9.34 5.07
C ASP B 59 -0.88 -8.50 6.31
N TRP B 60 -1.62 -7.41 6.15
CA TRP B 60 -2.07 -6.45 7.21
C TRP B 60 -0.98 -5.50 7.71
N SER B 61 0.27 -5.63 7.28
CA SER B 61 1.35 -4.70 7.69
C SER B 61 1.12 -3.35 7.01
N PHE B 62 1.50 -2.28 7.68
CA PHE B 62 1.22 -0.90 7.24
C PHE B 62 2.34 -0.32 6.37
N TYR B 63 1.96 0.66 5.58
CA TYR B 63 2.95 1.36 4.74
C TYR B 63 2.60 2.84 4.72
N LEU B 64 3.64 3.67 4.72
CA LEU B 64 3.50 5.14 4.67
C LEU B 64 4.60 5.70 3.78
N LEU B 65 4.28 6.79 3.09
CA LEU B 65 5.30 7.49 2.27
C LEU B 65 5.40 8.94 2.77
N VAL B 66 6.59 9.34 3.17
CA VAL B 66 6.87 10.73 3.61
C VAL B 66 7.64 11.35 2.47
N HIS B 67 7.24 12.51 2.00
CA HIS B 67 7.93 13.03 0.81
C HIS B 67 7.91 14.55 0.74
N THR B 68 8.96 15.09 0.16
CA THR B 68 9.11 16.54 -0.05
C THR B 68 10.04 16.78 -1.23
N GLU B 69 10.12 18.01 -1.67
CA GLU B 69 11.03 18.33 -2.80
C GLU B 69 12.45 18.49 -2.26
N PHE B 70 13.42 18.32 -3.14
CA PHE B 70 14.86 18.49 -2.81
C PHE B 70 15.66 18.63 -4.09
N THR B 71 16.71 19.44 -4.02
CA THR B 71 17.64 19.53 -5.14
C THR B 71 18.97 19.05 -4.57
N PRO B 72 19.41 17.83 -4.89
CA PRO B 72 20.62 17.30 -4.30
C PRO B 72 21.89 17.89 -4.90
N ASN B 73 22.97 17.81 -4.14
CA ASN B 73 24.29 18.25 -4.61
C ASN B 73 25.35 17.28 -4.08
N ALA B 74 26.62 17.67 -4.07
CA ALA B 74 27.67 16.71 -3.69
C ALA B 74 27.99 16.78 -2.21
N VAL B 75 27.27 17.59 -1.45
CA VAL B 75 27.68 17.75 -0.02
C VAL B 75 26.49 17.57 0.90
N ASP B 76 25.30 17.89 0.42
CA ASP B 76 24.10 17.76 1.26
C ASP B 76 23.85 16.29 1.61
N GLN B 77 23.61 16.04 2.90
CA GLN B 77 23.35 14.67 3.40
C GLN B 77 21.88 14.54 3.78
N TYR B 78 21.19 13.64 3.11
CA TYR B 78 19.75 13.38 3.33
C TYR B 78 19.59 12.03 4.01
N SER B 79 18.62 11.91 4.88
CA SER B 79 18.40 10.65 5.60
C SER B 79 16.97 10.60 6.10
N CYS B 80 16.49 9.40 6.42
CA CYS B 80 15.12 9.25 6.95
C CYS B 80 15.23 8.63 8.33
N ARG B 81 14.56 9.21 9.31
CA ARG B 81 14.61 8.76 10.71
C ARG B 81 13.26 8.13 11.06
N VAL B 82 13.29 6.90 11.56
CA VAL B 82 12.00 6.23 11.90
C VAL B 82 12.02 5.75 13.35
N LYS B 83 10.90 5.92 14.01
CA LYS B 83 10.75 5.47 15.41
C LYS B 83 9.47 4.62 15.52
N HIS B 84 9.63 3.41 15.99
CA HIS B 84 8.50 2.46 16.15
C HIS B 84 8.73 1.68 17.43
N VAL B 85 7.69 1.08 17.99
CA VAL B 85 7.83 0.26 19.23
C VAL B 85 8.83 -0.89 19.05
N THR B 86 8.96 -1.48 17.86
CA THR B 86 9.91 -2.57 17.55
C THR B 86 11.38 -2.12 17.58
N LEU B 87 11.66 -0.82 17.52
CA LEU B 87 13.08 -0.34 17.55
C LEU B 87 13.32 0.52 18.78
N ASP B 88 14.21 0.11 19.67
CA ASP B 88 14.44 0.89 20.92
C ASP B 88 15.31 2.10 20.62
N LYS B 89 16.16 1.99 19.59
CA LYS B 89 16.99 3.12 19.10
C LYS B 89 16.49 3.42 17.68
N PRO B 90 16.28 4.68 17.29
CA PRO B 90 15.75 5.02 15.97
C PRO B 90 16.55 4.46 14.78
N LYS B 91 15.83 4.18 13.70
CA LYS B 91 16.48 3.67 12.49
C LYS B 91 16.72 4.84 11.55
N ILE B 92 17.98 5.14 11.30
CA ILE B 92 18.30 6.19 10.32
C ILE B 92 18.89 5.50 9.12
N VAL B 93 18.39 5.82 7.94
CA VAL B 93 18.89 5.28 6.66
C VAL B 93 19.27 6.50 5.83
N LYS B 94 20.48 6.54 5.33
CA LYS B 94 20.91 7.72 4.57
C LYS B 94 20.65 7.52 3.08
N TRP B 95 20.16 8.56 2.44
CA TRP B 95 19.86 8.56 0.99
C TRP B 95 21.12 8.28 0.18
N ASP B 96 21.03 7.37 -0.76
CA ASP B 96 22.16 7.10 -1.66
C ASP B 96 21.58 7.12 -3.08
N ARG B 97 22.20 7.90 -3.97
CA ARG B 97 21.78 8.03 -5.38
C ARG B 97 21.92 6.72 -6.18
N ASP B 98 22.72 5.76 -5.76
CA ASP B 98 22.82 4.47 -6.47
C ASP B 98 22.12 3.37 -5.69
N HIS B 99 22.08 3.51 -4.36
CA HIS B 99 21.63 2.59 -3.28
C HIS B 99 22.79 1.64 -2.95
N ASN C 1 -18.01 3.91 -4.24
CA ASN C 1 -19.01 4.06 -3.19
C ASN C 1 -18.79 3.04 -2.08
N SER C 2 -19.01 3.47 -0.83
CA SER C 2 -18.73 2.62 0.32
C SER C 2 -19.78 1.53 0.48
N ASP C 3 -19.35 0.40 1.04
CA ASP C 3 -20.25 -0.55 1.65
C ASP C 3 -20.79 0.04 2.95
N THR C 4 -21.99 -0.39 3.33
CA THR C 4 -22.56 -0.03 4.62
C THR C 4 -22.29 -1.16 5.60
N VAL C 5 -21.39 -0.92 6.55
CA VAL C 5 -20.94 -1.96 7.48
C VAL C 5 -21.58 -1.73 8.84
N GLY C 6 -22.64 -2.48 9.14
CA GLY C 6 -23.40 -2.18 10.33
C GLY C 6 -23.61 -3.29 11.35
N TRP C 7 -23.20 -4.52 11.04
CA TRP C 7 -23.47 -5.63 11.94
C TRP C 7 -22.30 -5.85 12.89
N SER C 8 -22.62 -6.12 14.15
CA SER C 8 -21.61 -6.35 15.15
C SER C 8 -20.82 -7.62 14.82
N TRP C 9 -19.54 -7.61 15.23
CA TRP C 9 -18.76 -8.84 15.25
C TRP C 9 -19.23 -9.71 16.40
#